data_6XVD
#
_entry.id   6XVD
#
_cell.length_a   121.292
_cell.length_b   121.292
_cell.length_c   43.000
_cell.angle_alpha   90.000
_cell.angle_beta   90.000
_cell.angle_gamma   120.000
#
_symmetry.space_group_name_H-M   'H 3'
#
loop_
_entity.id
_entity.type
_entity.pdbx_description
1 polymer 'Urokinase-type plasminogen activator'
2 polymer upain-1-W3F
3 water water
#
loop_
_entity_poly.entity_id
_entity_poly.type
_entity_poly.pdbx_seq_one_letter_code
_entity_poly.pdbx_strand_id
1 'polypeptide(L)'
;IIGGEFTTIENQPWFAAIYRRHRGGSVTYVCGGSLISPCWVISATHCFIDYPKKEDYIVYLGRSRLNSNTQGEMKFEVEN
LILHKDYSADTLAHHNDIALLKIRSKEGRCAQPSRTIQTIALPSMYNDPQFGTSCEITGFGKEQSTDYLYPEQLKMTVVK
LISHRECQQPHYYGSEVTTKMLCAADPQWKTDSCQGDSGGPLVCSLQGRMTLTGIVSWGRGCALKDKPGVYTRVSHFLPW
IRSHTKEENGLAL
;
U
2 'polypeptide(L)' CSFRGLENHAMC P
#
# COMPACT_ATOMS: atom_id res chain seq x y z
N ILE A 1 -1.03 -4.14 -10.37
CA ILE A 1 -2.49 -4.18 -10.60
C ILE A 1 -2.79 -5.08 -11.80
N ILE A 2 -3.55 -6.14 -11.55
CA ILE A 2 -4.10 -7.04 -12.61
C ILE A 2 -5.31 -6.34 -13.19
N GLY A 3 -5.40 -6.21 -14.52
CA GLY A 3 -6.53 -5.50 -15.13
C GLY A 3 -6.53 -4.03 -14.74
N GLY A 4 -7.70 -3.44 -14.60
CA GLY A 4 -7.81 -1.99 -14.34
C GLY A 4 -7.26 -1.16 -15.47
N GLU A 5 -6.70 -0.01 -15.16
CA GLU A 5 -6.37 1.00 -16.18
C GLU A 5 -5.08 1.70 -15.79
N PHE A 6 -4.34 2.20 -16.77
CA PHE A 6 -3.22 3.12 -16.52
C PHE A 6 -3.76 4.44 -16.01
N THR A 7 -2.94 5.13 -15.22
CA THR A 7 -3.32 6.41 -14.61
C THR A 7 -2.06 7.26 -14.50
N THR A 8 -2.22 8.45 -13.95
CA THR A 8 -1.09 9.34 -13.60
C THR A 8 -1.32 9.80 -12.17
N ILE A 9 -0.30 10.43 -11.60
CA ILE A 9 -0.28 10.80 -10.16
C ILE A 9 -1.38 11.83 -9.84
N GLU A 10 -1.83 12.62 -10.82
CA GLU A 10 -2.94 13.58 -10.58
C GLU A 10 -4.20 12.85 -10.10
N ASN A 11 -4.37 11.58 -10.45
CA ASN A 11 -5.56 10.79 -10.07
C ASN A 11 -5.36 10.07 -8.74
N GLN A 12 -4.18 10.21 -8.13
CA GLN A 12 -3.91 9.60 -6.79
C GLN A 12 -2.74 10.35 -6.17
N PRO A 13 -2.89 11.68 -5.90
CA PRO A 13 -1.73 12.52 -5.61
C PRO A 13 -1.11 12.31 -4.22
N TRP A 14 -1.72 11.45 -3.40
CA TRP A 14 -1.13 10.99 -2.12
C TRP A 14 -0.24 9.77 -2.33
N PHE A 15 -0.21 9.18 -3.52
CA PHE A 15 0.53 7.93 -3.74
C PHE A 15 2.02 8.21 -3.60
N ALA A 16 2.70 7.38 -2.80
CA ALA A 16 4.16 7.46 -2.58
C ALA A 16 4.83 6.22 -3.16
N ALA A 17 5.90 6.43 -3.90
CA ALA A 17 6.68 5.36 -4.54
C ALA A 17 7.95 5.15 -3.72
N ILE A 18 8.12 3.95 -3.15
CA ILE A 18 9.21 3.66 -2.18
C ILE A 18 10.22 2.69 -2.81
N TYR A 19 11.49 3.07 -2.82
CA TYR A 19 12.62 2.35 -3.43
C TYR A 19 13.67 2.07 -2.36
N ARG A 20 14.49 1.05 -2.60
CA ARG A 20 15.63 0.71 -1.73
C ARG A 20 16.91 0.78 -2.54
N ARG A 21 17.94 1.44 -1.98
CA ARG A 21 19.31 1.40 -2.55
C ARG A 21 20.05 0.18 -2.00
N HIS A 22 20.71 -0.57 -2.86
CA HIS A 22 21.50 -1.78 -2.52
C HIS A 22 22.99 -1.43 -2.36
N ARG A 23 23.79 -2.37 -1.86
CA ARG A 23 25.27 -2.34 -1.94
C ARG A 23 25.66 -2.42 -3.42
N GLY A 24 26.40 -1.41 -3.84
CA GLY A 24 26.12 -1.24 -5.28
C GLY A 24 25.76 0.19 -5.63
N GLY A 25 24.68 0.59 -4.95
CA GLY A 25 24.22 1.78 -5.66
C GLY A 25 22.97 1.60 -6.52
N SER A 26 22.68 0.36 -6.94
CA SER A 26 21.45 0.03 -7.71
C SER A 26 20.23 0.25 -6.81
N VAL A 27 19.20 0.90 -7.37
CA VAL A 27 17.94 1.26 -6.66
C VAL A 27 16.81 0.41 -7.27
N THR A 28 16.05 -0.29 -6.43
CA THR A 28 14.92 -1.14 -6.87
C THR A 28 13.65 -0.67 -6.19
N TYR A 29 12.52 -0.85 -6.85
CA TYR A 29 11.20 -0.52 -6.26
C TYR A 29 10.85 -1.52 -5.17
N VAL A 30 10.30 -1.03 -4.07
CA VAL A 30 9.91 -1.86 -2.90
C VAL A 30 8.39 -1.96 -2.86
N CYS A 31 7.72 -0.84 -2.63
CA CYS A 31 6.28 -0.85 -2.28
C CYS A 31 5.72 0.54 -2.50
N GLY A 32 4.40 0.62 -2.48
CA GLY A 32 3.64 1.88 -2.44
C GLY A 32 3.46 2.38 -1.02
N GLY A 33 2.95 3.60 -0.91
CA GLY A 33 2.56 4.21 0.37
C GLY A 33 1.59 5.33 0.10
N SER A 34 1.11 5.98 1.14
CA SER A 34 0.14 7.09 1.04
C SER A 34 0.59 8.24 1.94
N LEU A 35 0.62 9.45 1.39
CA LEU A 35 0.93 10.68 2.14
C LEU A 35 -0.27 11.05 3.02
N ILE A 36 -0.14 11.00 4.36
CA ILE A 36 -1.27 11.31 5.28
C ILE A 36 -1.05 12.67 5.95
N SER A 37 0.15 13.21 5.87
CA SER A 37 0.49 14.59 6.30
C SER A 37 1.78 14.97 5.58
N PRO A 38 2.15 16.26 5.51
CA PRO A 38 3.33 16.63 4.73
C PRO A 38 4.59 15.81 5.02
N CYS A 39 4.81 15.40 6.28
CA CYS A 39 6.06 14.73 6.71
C CYS A 39 5.86 13.22 6.86
N TRP A 40 4.65 12.69 6.62
CA TRP A 40 4.34 11.27 6.95
C TRP A 40 3.71 10.49 5.78
N VAL A 41 4.33 9.37 5.47
CA VAL A 41 3.82 8.37 4.49
C VAL A 41 3.48 7.10 5.27
N ILE A 42 2.33 6.52 5.01
CA ILE A 42 1.92 5.25 5.67
C ILE A 42 1.98 4.12 4.64
N SER A 43 2.49 2.98 5.07
CA SER A 43 2.71 1.82 4.18
C SER A 43 2.55 0.53 5.01
N ALA A 44 3.13 -0.58 4.57
CA ALA A 44 3.01 -1.89 5.23
C ALA A 44 4.35 -2.29 5.84
N THR A 45 4.37 -2.80 7.08
CA THR A 45 5.61 -3.27 7.74
C THR A 45 6.29 -4.35 6.89
N HIS A 46 5.54 -5.26 6.26
CA HIS A 46 6.18 -6.40 5.56
C HIS A 46 7.12 -5.91 4.47
N CYS A 47 6.91 -4.70 3.96
CA CYS A 47 7.76 -4.12 2.89
C CYS A 47 9.18 -3.84 3.40
N PHE A 48 9.37 -3.74 4.71
CA PHE A 48 10.62 -3.22 5.33
C PHE A 48 11.20 -4.16 6.38
N ILE A 49 10.47 -5.17 6.84
CA ILE A 49 10.82 -5.95 8.06
C ILE A 49 12.20 -6.60 7.88
N ASP A 50 12.56 -7.00 6.67
CA ASP A 50 13.85 -7.72 6.45
C ASP A 50 14.99 -6.73 6.26
N TYR A 51 14.70 -5.45 6.00
CA TYR A 51 15.73 -4.40 5.80
C TYR A 51 15.26 -3.13 6.52
N PRO A 52 15.27 -3.14 7.87
CA PRO A 52 14.64 -2.07 8.63
C PRO A 52 15.42 -0.76 8.77
N LYS A 53 16.58 -0.67 8.13
CA LYS A 53 17.48 0.52 8.20
C LYS A 53 16.90 1.65 7.33
N LYS A 54 16.57 2.78 7.95
CA LYS A 54 15.94 3.95 7.27
C LYS A 54 16.82 4.46 6.12
N GLU A 55 18.15 4.35 6.21
CA GLU A 55 19.10 4.98 5.26
C GLU A 55 19.03 4.26 3.90
N ASP A 56 18.43 3.08 3.84
CA ASP A 56 18.37 2.21 2.63
C ASP A 56 17.30 2.73 1.65
N TYR A 57 16.41 3.63 2.08
CA TYR A 57 15.16 3.92 1.33
C TYR A 57 15.15 5.31 0.72
N ILE A 58 14.44 5.42 -0.41
CA ILE A 58 14.13 6.68 -1.11
C ILE A 58 12.63 6.70 -1.33
N VAL A 59 11.97 7.80 -1.02
CA VAL A 59 10.52 7.98 -1.26
C VAL A 59 10.34 9.09 -2.30
N TYR A 60 9.53 8.84 -3.32
CA TYR A 60 9.10 9.89 -4.26
C TYR A 60 7.61 10.17 -4.08
N LEU A 61 7.26 11.45 -4.20
CA LEU A 61 5.87 11.93 -4.33
C LEU A 61 5.74 12.61 -5.69
N GLY A 62 4.53 12.64 -6.23
CA GLY A 62 4.27 13.28 -7.53
C GLY A 62 4.88 12.49 -8.67
N ARG A 63 5.05 11.18 -8.52
CA ARG A 63 5.70 10.34 -9.56
C ARG A 63 4.67 9.41 -10.22
N SER A 64 4.57 9.47 -11.56
CA SER A 64 3.61 8.66 -12.36
C SER A 64 4.31 7.47 -13.04
N ARG A 65 5.64 7.46 -13.08
CA ARG A 65 6.41 6.44 -13.82
C ARG A 65 7.43 5.79 -12.91
N LEU A 66 7.69 4.50 -13.13
CA LEU A 66 8.51 3.72 -12.16
C LEU A 66 10.00 4.08 -12.30
N ASN A 67 10.53 4.16 -13.50
CA ASN A 67 12.01 4.24 -13.68
C ASN A 67 12.37 5.49 -14.47
N SER A 68 11.46 6.46 -14.57
CA SER A 68 11.71 7.77 -15.21
C SER A 68 11.13 8.86 -14.33
N ASN A 69 11.72 10.05 -14.36
CA ASN A 69 11.27 11.17 -13.51
C ASN A 69 9.95 11.68 -14.10
N THR A 70 9.08 12.15 -13.23
CA THR A 70 7.85 12.88 -13.57
C THR A 70 8.10 14.36 -13.27
N GLN A 71 7.72 15.25 -14.18
CA GLN A 71 7.89 16.69 -13.94
C GLN A 71 7.16 17.09 -12.65
N GLY A 72 7.84 17.81 -11.77
CA GLY A 72 7.25 18.27 -10.49
C GLY A 72 7.45 17.29 -9.33
N GLU A 73 8.05 16.14 -9.55
CA GLU A 73 8.16 15.13 -8.47
C GLU A 73 9.05 15.67 -7.35
N MET A 74 8.90 15.11 -6.15
CA MET A 74 9.81 15.42 -5.02
C MET A 74 10.42 14.11 -4.49
N LYS A 75 11.71 14.18 -4.15
CA LYS A 75 12.52 13.03 -3.67
C LYS A 75 12.85 13.25 -2.19
N PHE A 76 12.72 12.21 -1.38
CA PHE A 76 12.89 12.29 0.08
C PHE A 76 13.75 11.14 0.58
N GLU A 77 14.54 11.45 1.61
CA GLU A 77 15.14 10.41 2.46
C GLU A 77 14.11 10.04 3.53
N VAL A 78 14.35 8.92 4.19
CA VAL A 78 13.47 8.45 5.29
C VAL A 78 14.16 8.84 6.60
N GLU A 79 13.60 9.83 7.27
CA GLU A 79 14.13 10.37 8.54
C GLU A 79 13.87 9.35 9.65
N ASN A 80 12.76 8.62 9.57
CA ASN A 80 12.42 7.56 10.56
C ASN A 80 11.56 6.52 9.87
N LEU A 81 11.86 5.26 10.10
CA LEU A 81 11.12 4.09 9.56
C LEU A 81 10.51 3.37 10.76
N ILE A 82 9.19 3.50 10.95
CA ILE A 82 8.47 3.02 12.16
C ILE A 82 7.61 1.81 11.77
N LEU A 83 7.98 0.64 12.29
CA LEU A 83 7.26 -0.62 12.02
C LEU A 83 6.37 -0.95 13.22
N HIS A 84 5.30 -1.69 13.01
CA HIS A 84 4.34 -2.03 14.10
C HIS A 84 4.97 -3.13 14.96
N LYS A 85 5.08 -2.89 16.27
CA LYS A 85 5.79 -3.81 17.21
C LYS A 85 5.09 -5.17 17.27
N ASP A 86 3.79 -5.24 16.95
CA ASP A 86 3.01 -6.50 17.02
C ASP A 86 2.87 -7.13 15.64
N TYR A 87 3.69 -6.72 14.66
CA TYR A 87 3.77 -7.41 13.35
C TYR A 87 3.97 -8.92 13.58
N SER A 88 3.26 -9.74 12.81
CA SER A 88 3.51 -11.22 12.79
C SER A 88 3.22 -11.75 11.39
N ALA A 89 4.02 -12.72 10.93
CA ALA A 89 3.91 -13.35 9.59
C ALA A 89 3.61 -14.85 9.74
N ASP A 90 2.51 -15.31 9.13
CA ASP A 90 2.23 -16.75 8.87
C ASP A 90 3.06 -17.15 7.65
N THR A 91 2.59 -18.12 6.86
CA THR A 91 3.15 -18.45 5.53
C THR A 91 2.50 -17.53 4.48
N LEU A 92 1.44 -16.80 4.86
CA LEU A 92 0.65 -15.86 4.00
C LEU A 92 0.44 -14.51 4.73
N ALA A 93 -0.19 -14.56 5.89
CA ALA A 93 -1.26 -13.64 6.32
C ALA A 93 -0.84 -12.72 7.46
N HIS A 94 -0.16 -11.62 7.13
CA HIS A 94 0.51 -10.72 8.10
C HIS A 94 -0.50 -10.07 9.05
N HIS A 95 -0.21 -10.05 10.35
CA HIS A 95 -0.96 -9.25 11.34
C HIS A 95 -0.29 -7.88 11.51
N ASN A 96 -1.08 -6.83 11.75
CA ASN A 96 -0.57 -5.49 12.11
C ASN A 96 0.42 -5.02 11.05
N ASP A 97 0.02 -5.16 9.79
CA ASP A 97 0.90 -4.89 8.64
C ASP A 97 0.78 -3.41 8.27
N ILE A 98 1.46 -2.57 9.03
CA ILE A 98 1.29 -1.11 8.95
C ILE A 98 2.62 -0.48 9.38
N ALA A 99 3.06 0.54 8.66
CA ALA A 99 4.37 1.20 8.89
C ALA A 99 4.24 2.68 8.59
N LEU A 100 5.07 3.49 9.23
CA LEU A 100 5.12 4.95 8.99
C LEU A 100 6.54 5.31 8.55
N LEU A 101 6.64 6.12 7.52
CA LEU A 101 7.90 6.71 7.06
C LEU A 101 7.81 8.21 7.27
N LYS A 102 8.69 8.74 8.11
CA LYS A 102 8.83 10.20 8.22
C LYS A 102 9.79 10.62 7.11
N ILE A 103 9.34 11.51 6.23
CA ILE A 103 10.09 11.86 4.99
C ILE A 103 10.76 13.22 5.18
N ARG A 104 11.98 13.35 4.66
CA ARG A 104 12.72 14.63 4.70
C ARG A 104 13.63 14.72 3.48
N SER A 105 13.52 15.81 2.71
CA SER A 105 14.38 16.07 1.53
C SER A 105 15.82 16.35 2.00
N LYS A 106 16.75 16.39 1.06
CA LYS A 106 18.17 16.78 1.29
C LYS A 106 18.23 18.21 1.86
N GLU A 107 17.24 19.04 1.55
CA GLU A 107 17.14 20.45 1.97
C GLU A 107 16.43 20.56 3.33
N GLY A 108 15.99 19.42 3.89
CA GLY A 108 15.40 19.34 5.25
C GLY A 108 13.90 19.63 5.27
N ARG A 109 13.23 19.50 4.11
CA ARG A 109 11.79 19.86 3.96
C ARG A 109 10.92 18.59 3.86
N CYS A 110 9.65 18.75 4.20
CA CYS A 110 8.60 17.72 3.98
C CYS A 110 7.91 18.00 2.64
N ALA A 111 6.85 17.25 2.32
CA ALA A 111 6.07 17.41 1.08
C ALA A 111 5.50 18.83 1.02
N GLN A 112 5.54 19.43 -0.17
CA GLN A 112 4.86 20.71 -0.49
C GLN A 112 3.69 20.38 -1.41
N PRO A 113 2.42 20.52 -0.94
CA PRO A 113 1.27 20.22 -1.78
C PRO A 113 1.31 20.98 -3.12
N SER A 114 0.90 20.29 -4.18
CA SER A 114 0.85 20.80 -5.56
C SER A 114 -0.27 20.09 -6.31
N ARG A 115 -0.36 20.29 -7.62
CA ARG A 115 -1.34 19.56 -8.44
C ARG A 115 -1.08 18.05 -8.37
N THR A 116 0.17 17.64 -8.12
CA THR A 116 0.60 16.21 -8.18
C THR A 116 0.93 15.65 -6.79
N ILE A 117 0.81 16.45 -5.73
CA ILE A 117 1.21 16.02 -4.35
C ILE A 117 0.13 16.54 -3.40
N GLN A 118 -0.64 15.65 -2.79
CA GLN A 118 -1.75 15.98 -1.86
C GLN A 118 -1.82 14.91 -0.79
N THR A 119 -2.36 15.22 0.38
CA THR A 119 -2.58 14.21 1.45
C THR A 119 -3.93 13.52 1.26
N ILE A 120 -4.07 12.32 1.82
CA ILE A 120 -5.36 11.58 1.88
C ILE A 120 -5.85 11.59 3.33
N ALA A 121 -7.15 11.79 3.53
CA ALA A 121 -7.80 11.77 4.86
C ALA A 121 -7.77 10.35 5.43
N LEU A 122 -7.54 10.24 6.74
CA LEU A 122 -7.76 8.99 7.47
C LEU A 122 -9.25 8.83 7.78
N PRO A 123 -9.73 7.59 7.93
CA PRO A 123 -11.11 7.33 8.32
C PRO A 123 -11.32 7.74 9.79
N SER A 124 -12.59 7.91 10.16
CA SER A 124 -13.02 7.93 11.58
C SER A 124 -12.83 6.54 12.18
N MET A 125 -12.59 6.44 13.48
CA MET A 125 -12.33 5.13 14.13
C MET A 125 -13.50 4.19 13.86
N TYR A 126 -13.21 2.94 13.51
CA TYR A 126 -14.24 1.88 13.36
C TYR A 126 -15.34 2.33 12.41
N ASN A 127 -15.03 3.15 11.40
CA ASN A 127 -16.01 3.70 10.43
C ASN A 127 -15.56 3.29 9.03
N ASP A 128 -16.11 2.19 8.52
CA ASP A 128 -15.76 1.65 7.19
C ASP A 128 -17.02 1.60 6.32
N PRO A 129 -16.87 1.59 4.98
CA PRO A 129 -18.03 1.46 4.10
C PRO A 129 -18.67 0.08 4.27
N GLN A 130 -19.93 -0.07 3.89
CA GLN A 130 -20.62 -1.39 3.98
C GLN A 130 -20.00 -2.35 2.95
N PHE A 131 -20.06 -3.65 3.22
CA PHE A 131 -19.59 -4.66 2.24
C PHE A 131 -20.35 -4.41 0.94
N GLY A 132 -19.70 -4.68 -0.19
CA GLY A 132 -20.25 -4.44 -1.53
C GLY A 132 -19.86 -3.08 -2.07
N THR A 133 -19.36 -2.17 -1.22
CA THR A 133 -18.91 -0.83 -1.65
C THR A 133 -17.73 -0.99 -2.61
N SER A 134 -17.72 -0.22 -3.68
CA SER A 134 -16.61 -0.13 -4.65
C SER A 134 -15.57 0.85 -4.15
N CYS A 135 -14.32 0.41 -4.13
CA CYS A 135 -13.16 1.24 -3.72
C CYS A 135 -12.07 1.11 -4.77
N GLU A 136 -11.10 2.00 -4.72
CA GLU A 136 -10.01 1.98 -5.72
C GLU A 136 -8.71 1.56 -5.05
N ILE A 137 -7.85 0.91 -5.84
CA ILE A 137 -6.47 0.53 -5.43
C ILE A 137 -5.53 1.04 -6.50
N THR A 138 -4.32 1.42 -6.11
CA THR A 138 -3.35 2.09 -6.99
C THR A 138 -1.96 1.49 -6.76
N GLY A 139 -1.19 1.29 -7.81
CA GLY A 139 0.20 0.86 -7.61
C GLY A 139 0.94 0.54 -8.88
N PHE A 140 2.22 0.24 -8.71
CA PHE A 140 3.18 -0.13 -9.77
C PHE A 140 3.38 -1.65 -9.78
N GLY A 141 2.55 -2.43 -9.11
CA GLY A 141 2.76 -3.89 -9.02
C GLY A 141 2.48 -4.59 -10.34
N LYS A 142 2.71 -5.89 -10.36
CA LYS A 142 2.66 -6.68 -11.59
C LYS A 142 1.29 -6.56 -12.24
N GLU A 143 1.28 -6.62 -13.56
CA GLU A 143 0.01 -6.64 -14.34
C GLU A 143 -0.49 -8.07 -14.57
N GLN A 144 0.37 -9.06 -14.38
CA GLN A 144 0.03 -10.50 -14.47
C GLN A 144 0.86 -11.21 -13.44
N SER A 145 0.31 -12.24 -12.80
CA SER A 145 1.05 -13.02 -11.79
C SER A 145 2.35 -13.56 -12.36
N THR A 146 2.34 -13.93 -13.65
CA THR A 146 3.51 -14.58 -14.33
C THR A 146 4.52 -13.55 -14.83
N ASP A 147 4.25 -12.25 -14.72
CA ASP A 147 5.19 -11.24 -15.25
C ASP A 147 6.47 -11.24 -14.42
N TYR A 148 7.57 -10.92 -15.09
CA TYR A 148 8.87 -10.69 -14.43
C TYR A 148 9.01 -9.19 -14.10
N LEU A 149 8.53 -8.35 -15.01
CA LEU A 149 8.68 -6.87 -14.89
C LEU A 149 7.48 -6.26 -14.19
N TYR A 150 7.70 -5.12 -13.56
CA TYR A 150 6.63 -4.19 -13.11
C TYR A 150 6.32 -3.26 -14.27
N PRO A 151 5.07 -2.77 -14.36
CA PRO A 151 4.73 -1.77 -15.36
C PRO A 151 5.51 -0.47 -15.11
N GLU A 152 5.82 0.25 -16.17
CA GLU A 152 6.53 1.56 -16.07
C GLU A 152 5.56 2.68 -15.70
N GLN A 153 4.28 2.49 -15.96
CA GLN A 153 3.24 3.53 -15.75
C GLN A 153 2.31 3.10 -14.61
N LEU A 154 1.98 4.03 -13.73
CA LEU A 154 1.10 3.79 -12.57
C LEU A 154 -0.24 3.23 -13.08
N LYS A 155 -0.85 2.35 -12.28
CA LYS A 155 -2.18 1.77 -12.58
C LYS A 155 -3.12 1.91 -11.41
N MET A 156 -4.41 1.82 -11.70
CA MET A 156 -5.42 1.69 -10.65
C MET A 156 -6.55 0.79 -11.14
N THR A 157 -7.30 0.27 -10.19
CA THR A 157 -8.51 -0.52 -10.49
C THR A 157 -9.51 -0.34 -9.38
N VAL A 158 -10.65 -0.97 -9.55
CA VAL A 158 -11.78 -0.94 -8.58
C VAL A 158 -12.01 -2.36 -8.09
N VAL A 159 -12.17 -2.52 -6.78
CA VAL A 159 -12.52 -3.80 -6.12
C VAL A 159 -13.63 -3.50 -5.13
N LYS A 160 -14.42 -4.52 -4.78
CA LYS A 160 -15.56 -4.37 -3.83
C LYS A 160 -15.18 -4.97 -2.48
N LEU A 161 -15.57 -4.30 -1.40
CA LEU A 161 -15.30 -4.77 -0.04
C LEU A 161 -16.11 -6.05 0.22
N ILE A 162 -15.46 -7.00 0.88
CA ILE A 162 -16.04 -8.31 1.26
C ILE A 162 -16.15 -8.33 2.79
N SER A 163 -17.28 -8.80 3.31
CA SER A 163 -17.52 -8.87 4.77
C SER A 163 -16.52 -9.84 5.41
N HIS A 164 -16.20 -9.65 6.68
CA HIS A 164 -15.38 -10.62 7.43
C HIS A 164 -16.08 -11.98 7.40
N ARG A 165 -17.41 -11.99 7.49
CA ARG A 165 -18.23 -13.24 7.45
C ARG A 165 -17.86 -14.04 6.20
N GLU A 166 -17.84 -13.39 5.03
CA GLU A 166 -17.59 -14.08 3.75
C GLU A 166 -16.12 -14.48 3.66
N CYS A 167 -15.22 -13.59 4.10
CA CYS A 167 -13.76 -13.81 3.91
C CYS A 167 -13.25 -14.93 4.83
N GLN A 168 -13.91 -15.13 5.98
CA GLN A 168 -13.45 -16.10 7.01
C GLN A 168 -13.95 -17.50 6.64
N GLN A 169 -14.78 -17.66 5.61
CA GLN A 169 -15.21 -19.01 5.15
C GLN A 169 -13.97 -19.84 4.84
N PRO A 170 -13.95 -21.15 5.14
CA PRO A 170 -12.80 -21.97 4.78
C PRO A 170 -12.38 -21.85 3.31
N HIS A 171 -13.33 -21.77 2.38
CA HIS A 171 -13.02 -21.78 0.92
C HIS A 171 -12.54 -20.40 0.46
N TYR A 172 -12.64 -19.37 1.31
CA TYR A 172 -11.92 -18.08 1.14
C TYR A 172 -10.62 -18.22 1.96
N TYR A 173 -10.45 -17.52 3.09
CA TYR A 173 -9.15 -17.50 3.81
C TYR A 173 -9.24 -18.07 5.23
N GLY A 174 -10.42 -18.50 5.68
CA GLY A 174 -10.56 -19.11 7.00
C GLY A 174 -10.02 -18.22 8.10
N SER A 175 -9.21 -18.78 9.01
CA SER A 175 -8.72 -18.08 10.23
C SER A 175 -7.59 -17.12 9.88
N GLU A 176 -7.11 -17.10 8.62
CA GLU A 176 -5.98 -16.23 8.23
C GLU A 176 -6.40 -14.75 8.32
N VAL A 177 -7.69 -14.45 8.14
CA VAL A 177 -8.20 -13.05 8.14
C VAL A 177 -8.77 -12.73 9.52
N THR A 178 -8.46 -11.54 10.03
CA THR A 178 -8.95 -11.02 11.33
C THR A 178 -9.83 -9.79 11.07
N THR A 179 -10.50 -9.30 12.12
CA THR A 179 -11.31 -8.07 12.03
C THR A 179 -10.42 -6.81 11.90
N LYS A 180 -9.08 -6.94 12.00
CA LYS A 180 -8.15 -5.80 11.75
C LYS A 180 -7.71 -5.81 10.27
N MET A 181 -8.34 -6.66 9.46
CA MET A 181 -8.07 -6.78 8.00
C MET A 181 -9.38 -6.58 7.25
N LEU A 182 -9.27 -6.12 6.01
CA LEU A 182 -10.41 -5.96 5.07
C LEU A 182 -10.09 -6.77 3.83
N CYS A 183 -11.01 -7.61 3.39
CA CYS A 183 -10.91 -8.30 2.09
C CYS A 183 -11.60 -7.45 1.03
N ALA A 184 -11.08 -7.45 -0.18
CA ALA A 184 -11.72 -6.77 -1.33
C ALA A 184 -11.37 -7.54 -2.60
N ALA A 185 -12.33 -7.67 -3.52
CA ALA A 185 -12.11 -8.41 -4.78
C ALA A 185 -13.10 -7.92 -5.83
N ASP A 186 -12.82 -8.32 -7.06
CA ASP A 186 -13.74 -8.14 -8.21
C ASP A 186 -14.74 -9.30 -8.20
N PRO A 187 -16.03 -9.05 -8.51
CA PRO A 187 -16.98 -10.17 -8.55
C PRO A 187 -16.63 -11.32 -9.52
N GLN A 188 -15.95 -11.02 -10.63
CA GLN A 188 -15.47 -12.02 -11.63
C GLN A 188 -14.01 -12.41 -11.34
N TRP A 189 -13.40 -11.88 -10.27
CA TRP A 189 -12.00 -12.15 -9.87
C TRP A 189 -11.04 -11.73 -11.00
N LYS A 190 -11.41 -10.76 -11.82
CA LYS A 190 -10.65 -10.46 -13.06
C LYS A 190 -9.66 -9.31 -12.85
N THR A 191 -9.75 -8.59 -11.74
CA THR A 191 -8.88 -7.43 -11.46
C THR A 191 -8.52 -7.48 -9.97
N ASP A 192 -7.32 -7.07 -9.62
CA ASP A 192 -6.83 -7.24 -8.24
C ASP A 192 -5.54 -6.44 -8.08
N SER A 193 -5.11 -6.26 -6.84
CA SER A 193 -3.70 -5.91 -6.56
C SER A 193 -2.84 -7.16 -6.75
N CYS A 194 -1.54 -6.96 -6.88
CA CYS A 194 -0.56 -8.04 -7.04
C CYS A 194 0.80 -7.62 -6.50
N GLN A 195 1.78 -8.50 -6.64
CA GLN A 195 3.14 -8.29 -6.10
C GLN A 195 3.64 -6.91 -6.50
N GLY A 196 4.12 -6.13 -5.54
CA GLY A 196 4.62 -4.77 -5.78
C GLY A 196 3.56 -3.70 -5.53
N ASP A 197 2.30 -4.10 -5.36
CA ASP A 197 1.22 -3.15 -4.95
C ASP A 197 1.18 -2.97 -3.43
N SER A 198 1.85 -3.84 -2.68
CA SER A 198 1.82 -3.81 -1.21
C SER A 198 2.19 -2.42 -0.71
N GLY A 199 1.56 -2.03 0.38
CA GLY A 199 1.83 -0.73 1.02
C GLY A 199 0.97 0.37 0.45
N GLY A 200 0.39 0.17 -0.74
CA GLY A 200 -0.37 1.25 -1.38
C GLY A 200 -1.81 1.35 -0.90
N PRO A 201 -2.52 2.39 -1.38
CA PRO A 201 -3.82 2.75 -0.83
C PRO A 201 -5.02 1.98 -1.40
N LEU A 202 -5.92 1.59 -0.50
CA LEU A 202 -7.32 1.25 -0.82
C LEU A 202 -8.15 2.46 -0.40
N VAL A 203 -8.71 3.18 -1.37
CA VAL A 203 -9.43 4.45 -1.12
C VAL A 203 -10.92 4.24 -1.40
N CYS A 204 -11.75 4.64 -0.44
CA CYS A 204 -13.22 4.56 -0.54
C CYS A 204 -13.77 5.96 -0.30
N SER A 205 -14.91 6.27 -0.91
CA SER A 205 -15.68 7.51 -0.60
C SER A 205 -16.59 7.19 0.58
N LEU A 206 -16.38 7.86 1.72
CA LEU A 206 -17.12 7.64 2.98
C LEU A 206 -17.63 8.99 3.47
N GLN A 207 -18.96 9.15 3.51
CA GLN A 207 -19.67 10.44 3.76
C GLN A 207 -19.16 11.52 2.80
N GLY A 208 -18.89 11.14 1.54
CA GLY A 208 -18.51 12.08 0.45
C GLY A 208 -17.03 12.46 0.46
N ARG A 209 -16.23 11.92 1.38
CA ARG A 209 -14.77 12.23 1.49
C ARG A 209 -13.97 11.01 1.01
N MET A 210 -12.93 11.24 0.21
CA MET A 210 -11.96 10.19 -0.18
C MET A 210 -11.15 9.83 1.08
N THR A 211 -11.15 8.55 1.42
CA THR A 211 -10.69 8.04 2.73
C THR A 211 -9.71 6.89 2.50
N LEU A 212 -8.57 6.90 3.20
CA LEU A 212 -7.65 5.73 3.21
C LEU A 212 -8.26 4.62 4.08
N THR A 213 -9.09 3.78 3.50
CA THR A 213 -9.79 2.67 4.20
C THR A 213 -8.78 1.53 4.44
N GLY A 214 -7.89 1.28 3.48
CA GLY A 214 -7.02 0.11 3.58
C GLY A 214 -5.63 0.36 3.05
N ILE A 215 -4.71 -0.54 3.41
CA ILE A 215 -3.31 -0.61 2.93
C ILE A 215 -3.10 -1.99 2.35
N VAL A 216 -2.66 -2.10 1.10
CA VAL A 216 -2.42 -3.42 0.46
C VAL A 216 -1.47 -4.24 1.34
N SER A 217 -1.89 -5.43 1.76
CA SER A 217 -1.10 -6.24 2.72
C SER A 217 -0.74 -7.62 2.14
N TRP A 218 -1.70 -8.44 1.77
CA TRP A 218 -1.36 -9.82 1.33
C TRP A 218 -2.47 -10.42 0.49
N GLY A 219 -2.19 -11.57 -0.10
CA GLY A 219 -3.21 -12.41 -0.73
C GLY A 219 -2.60 -13.68 -1.28
N ARG A 220 -3.41 -14.68 -1.54
CA ARG A 220 -2.94 -15.91 -2.20
C ARG A 220 -3.06 -15.70 -3.71
N GLY A 221 -1.73 -15.60 -4.42
CA GLY A 221 -1.85 -15.29 -5.85
C GLY A 221 -2.48 -13.93 -6.08
N CYS A 222 -2.98 -13.71 -7.29
CA CYS A 222 -3.61 -12.43 -7.69
C CYS A 222 -4.77 -12.75 -8.64
N ALA A 223 -5.91 -12.08 -8.46
CA ALA A 223 -7.07 -12.23 -9.34
C ALA A 223 -7.38 -13.73 -9.47
N LEU A 224 -7.39 -14.43 -8.33
CA LEU A 224 -7.77 -15.87 -8.22
C LEU A 224 -9.13 -15.99 -7.56
N LYS A 225 -9.96 -16.89 -8.09
CA LYS A 225 -11.30 -17.18 -7.53
C LYS A 225 -11.15 -17.55 -6.04
N ASP A 226 -11.97 -16.89 -5.22
CA ASP A 226 -12.17 -17.15 -3.77
C ASP A 226 -10.91 -16.76 -3.00
N LYS A 227 -10.03 -15.94 -3.60
CA LYS A 227 -8.79 -15.49 -2.95
C LYS A 227 -8.71 -13.98 -3.08
N PRO A 228 -9.46 -13.22 -2.24
CA PRO A 228 -9.42 -11.77 -2.33
C PRO A 228 -8.06 -11.15 -2.00
N GLY A 229 -7.90 -9.89 -2.35
CA GLY A 229 -6.86 -9.06 -1.74
C GLY A 229 -7.18 -8.80 -0.28
N VAL A 230 -6.15 -8.72 0.55
CA VAL A 230 -6.33 -8.45 2.00
C VAL A 230 -5.57 -7.18 2.34
N TYR A 231 -6.23 -6.32 3.12
CA TYR A 231 -5.81 -4.93 3.34
C TYR A 231 -5.78 -4.69 4.84
N THR A 232 -4.82 -3.94 5.32
CA THR A 232 -4.81 -3.49 6.73
C THR A 232 -6.01 -2.56 6.90
N ARG A 233 -6.83 -2.79 7.92
CA ARG A 233 -8.04 -2.00 8.20
C ARG A 233 -7.63 -0.75 8.98
N VAL A 234 -7.35 0.35 8.27
CA VAL A 234 -6.77 1.60 8.83
C VAL A 234 -7.64 2.13 10.00
N SER A 235 -8.95 1.96 9.92
CA SER A 235 -9.89 2.53 10.92
C SER A 235 -9.70 1.86 12.29
N HIS A 236 -8.92 0.76 12.37
CA HIS A 236 -8.65 0.05 13.64
C HIS A 236 -7.26 0.40 14.17
N PHE A 237 -6.54 1.33 13.52
CA PHE A 237 -5.15 1.68 13.91
C PHE A 237 -5.00 3.18 14.21
N LEU A 238 -6.08 3.92 14.39
CA LEU A 238 -5.95 5.40 14.53
C LEU A 238 -5.09 5.75 15.76
N PRO A 239 -5.23 5.11 16.94
CA PRO A 239 -4.34 5.47 18.06
C PRO A 239 -2.86 5.23 17.77
N TRP A 240 -2.55 4.11 17.11
CA TRP A 240 -1.15 3.79 16.71
C TRP A 240 -0.63 4.88 15.78
N ILE A 241 -1.42 5.30 14.79
CA ILE A 241 -0.98 6.32 13.80
C ILE A 241 -0.80 7.65 14.53
N ARG A 242 -1.77 8.00 15.37
CA ARG A 242 -1.81 9.28 16.14
C ARG A 242 -0.53 9.40 16.97
N SER A 243 -0.15 8.34 17.68
CA SER A 243 1.01 8.39 18.59
C SER A 243 2.32 8.41 17.78
N HIS A 244 2.45 7.56 16.77
CA HIS A 244 3.74 7.36 16.07
C HIS A 244 4.05 8.55 15.16
N THR A 245 3.04 9.29 14.69
CA THR A 245 3.27 10.49 13.85
C THR A 245 3.73 11.67 14.72
N LYS A 246 3.89 11.49 16.03
CA LYS A 246 4.49 12.51 16.93
C LYS A 246 5.98 12.23 17.14
N GLU A 247 6.57 11.32 16.36
CA GLU A 247 7.97 10.86 16.52
C GLU A 247 8.86 11.46 15.43
N GLU A 248 10.05 10.91 15.24
N CYS B 1 6.86 -16.08 -2.76
CA CYS B 1 7.74 -14.93 -3.12
C CYS B 1 7.19 -14.14 -4.32
N SER B 2 6.22 -14.71 -5.05
CA SER B 2 5.51 -14.02 -6.16
C SER B 2 4.21 -13.38 -5.65
N PHE B 3 3.91 -13.47 -4.34
CA PHE B 3 2.66 -12.97 -3.72
C PHE B 3 2.88 -11.58 -3.10
N ARG B 4 1.80 -10.81 -3.02
CA ARG B 4 1.70 -9.67 -2.08
C ARG B 4 1.93 -10.24 -0.68
N GLY B 5 2.77 -9.58 0.09
CA GLY B 5 3.13 -9.97 1.47
C GLY B 5 4.61 -10.29 1.60
N LEU B 6 5.32 -10.58 0.49
CA LEU B 6 6.73 -11.06 0.57
C LEU B 6 7.68 -10.13 -0.20
N GLU B 7 7.25 -8.91 -0.54
CA GLU B 7 8.13 -7.93 -1.23
C GLU B 7 9.35 -7.65 -0.33
N ASN B 8 10.52 -7.47 -0.94
CA ASN B 8 11.73 -7.00 -0.23
C ASN B 8 12.06 -7.96 0.93
N HIS B 9 11.92 -9.27 0.73
CA HIS B 9 12.24 -10.33 1.73
C HIS B 9 13.53 -11.05 1.34
N ALA B 10 14.41 -11.26 2.33
CA ALA B 10 15.76 -11.84 2.16
C ALA B 10 15.64 -13.23 1.52
N MET B 11 14.72 -14.07 2.02
CA MET B 11 14.56 -15.49 1.59
C MET B 11 14.16 -15.55 0.11
N CYS B 12 13.60 -14.47 -0.45
CA CYS B 12 13.18 -14.37 -1.87
C CYS B 12 14.35 -13.88 -2.73
#